data_7NKW
#
_entry.id   7NKW
#
_cell.length_a   46.005
_cell.length_b   74.636
_cell.length_c   52.826
_cell.angle_alpha   90.000
_cell.angle_beta   108.390
_cell.angle_gamma   90.000
#
_symmetry.space_group_name_H-M   'P 1 21 1'
#
loop_
_entity.id
_entity.type
_entity.pdbx_description
1 polymer Endothiapepsin
2 non-polymer 'DIMETHYL SULFOXIDE'
3 water water
#
_entity_poly.entity_id   1
_entity_poly.type   'polypeptide(L)'
_entity_poly.pdbx_seq_one_letter_code
;STGSATTTPIDSLDDAYITPVQIGTPAQTLNLDFDTGSSDLWVFSSETTASEVDGQTIYTPSKSTTAKLLSGATWSISYG
DGSSSSGDVYTDTVSVGGLTVTGQAVESAKKVSSSFTEDSTIDGLLGLAFSTLNTVSPTQQKTFFDNAKASLDSPVFTAD
LGYHAPGTYNFGFIDTTAYTGSITYTAVSTKQGFWEWTSTGYAVGSGTFKSTSIDGIADTGTTLLYLPATVVSAYWAQVS
GAKSSSSVGGYVFPCSATLPSFTFGVGSARIVIPGDYIDFGPISTGSSSCFGGIQSSAGIGINIFGDVALKAAFVVFNGA
TTPTLGFASK
;
_entity_poly.pdbx_strand_id   A
#
loop_
_chem_comp.id
_chem_comp.type
_chem_comp.name
_chem_comp.formula
DMS non-polymer 'DIMETHYL SULFOXIDE' 'C2 H6 O S'
#
# COMPACT_ATOMS: atom_id res chain seq x y z
N SER A 1 -4.08 -17.32 17.27
CA SER A 1 -2.82 -17.43 16.53
C SER A 1 -2.35 -16.08 15.97
N THR A 2 -1.07 -16.01 15.57
CA THR A 2 -0.44 -14.81 15.01
C THR A 2 0.38 -15.14 13.75
N GLY A 3 0.75 -14.09 13.03
CA GLY A 3 1.53 -14.16 11.79
C GLY A 3 2.51 -13.00 11.76
N SER A 4 3.70 -13.21 11.19
CA SER A 4 4.73 -12.17 11.08
C SER A 4 5.57 -12.44 9.84
N ALA A 5 5.59 -11.50 8.89
CA ALA A 5 6.34 -11.63 7.63
C ALA A 5 7.16 -10.38 7.36
N THR A 6 8.31 -10.58 6.68
CA THR A 6 9.22 -9.50 6.29
C THR A 6 8.87 -9.02 4.89
N THR A 7 8.92 -7.69 4.70
CA THR A 7 8.61 -7.02 3.45
C THR A 7 9.88 -6.29 3.02
N THR A 8 10.19 -6.35 1.71
CA THR A 8 11.44 -5.84 1.14
C THR A 8 11.17 -4.91 -0.03
N PRO A 9 11.85 -3.73 -0.14
CA PRO A 9 11.62 -2.87 -1.32
C PRO A 9 12.03 -3.54 -2.63
N ILE A 10 11.27 -3.32 -3.73
CA ILE A 10 11.60 -3.91 -5.03
C ILE A 10 12.83 -3.28 -5.68
N ASP A 11 13.23 -2.05 -5.28
CA ASP A 11 14.35 -1.38 -5.94
C ASP A 11 14.94 -0.31 -5.01
N SER A 12 15.88 0.50 -5.52
CA SER A 12 16.55 1.54 -4.74
C SER A 12 15.67 2.75 -4.37
N LEU A 13 14.52 2.98 -5.06
CA LEU A 13 13.65 4.14 -4.79
C LEU A 13 12.44 3.86 -3.88
N ASP A 14 12.17 2.58 -3.49
CA ASP A 14 11.00 2.20 -2.68
C ASP A 14 9.69 2.35 -3.49
N ASP A 15 9.69 1.87 -4.73
CA ASP A 15 8.49 1.94 -5.56
C ASP A 15 7.41 1.02 -5.05
N ALA A 16 7.77 -0.13 -4.48
CA ALA A 16 6.80 -1.07 -3.90
C ALA A 16 7.54 -1.98 -2.96
N TYR A 17 6.80 -2.73 -2.14
CA TYR A 17 7.36 -3.69 -1.17
C TYR A 17 6.73 -5.04 -1.41
N ILE A 18 7.56 -6.08 -1.51
CA ILE A 18 7.08 -7.44 -1.74
C ILE A 18 7.23 -8.28 -0.46
N THR A 19 6.24 -9.19 -0.20
CA THR A 19 6.18 -10.08 0.95
C THR A 19 5.99 -11.54 0.46
N PRO A 20 6.83 -12.54 0.90
CA PRO A 20 6.61 -13.93 0.46
C PRO A 20 5.32 -14.53 1.07
N VAL A 21 4.54 -15.31 0.27
CA VAL A 21 3.23 -15.86 0.65
C VAL A 21 3.16 -17.32 0.13
N GLN A 22 2.69 -18.25 0.98
CA GLN A 22 2.59 -19.63 0.63
C GLN A 22 1.15 -19.95 0.19
N ILE A 23 0.95 -20.19 -1.12
CA ILE A 23 -0.35 -20.55 -1.68
C ILE A 23 -0.30 -22.02 -2.14
N GLY A 24 -1.05 -22.92 -1.50
CA GLY A 24 -1.18 -24.31 -1.91
C GLY A 24 -0.56 -25.38 -1.05
N THR A 25 -0.72 -26.66 -1.51
CA THR A 25 -0.18 -27.88 -0.88
C THR A 25 0.27 -28.92 -1.94
N PRO A 26 1.58 -29.20 -2.11
CA PRO A 26 2.74 -28.57 -1.46
C PRO A 26 2.82 -27.09 -1.83
N ALA A 27 3.27 -26.26 -0.86
CA ALA A 27 3.35 -24.81 -1.04
C ALA A 27 4.08 -24.31 -2.30
N GLN A 28 3.56 -23.20 -2.86
CA GLN A 28 4.17 -22.44 -3.94
C GLN A 28 4.37 -21.05 -3.33
N THR A 29 5.62 -20.55 -3.22
CA THR A 29 5.90 -19.23 -2.62
C THR A 29 5.92 -18.14 -3.67
N LEU A 30 4.92 -17.24 -3.64
CA LEU A 30 4.82 -16.06 -4.52
C LEU A 30 5.17 -14.76 -3.74
N ASN A 31 5.77 -13.77 -4.42
CA ASN A 31 6.14 -12.49 -3.83
C ASN A 31 5.06 -11.44 -4.15
N LEU A 32 4.15 -11.16 -3.19
CA LEU A 32 3.04 -10.24 -3.38
C LEU A 32 3.19 -8.85 -2.76
N ASP A 33 2.44 -7.89 -3.34
CA ASP A 33 2.34 -6.49 -2.91
C ASP A 33 1.09 -6.35 -1.99
N PHE A 34 1.32 -6.21 -0.69
CA PHE A 34 0.27 -6.05 0.31
C PHE A 34 -0.31 -4.63 0.14
N ASP A 35 -1.56 -4.56 -0.33
CA ASP A 35 -2.25 -3.33 -0.70
C ASP A 35 -3.46 -3.04 0.19
N THR A 36 -3.36 -2.05 1.09
CA THR A 36 -4.49 -1.65 1.96
C THR A 36 -5.49 -0.76 1.16
N GLY A 37 -5.18 -0.41 -0.08
CA GLY A 37 -6.05 0.36 -0.94
C GLY A 37 -7.01 -0.46 -1.76
N SER A 38 -6.84 -1.79 -1.87
CA SER A 38 -7.76 -2.65 -2.62
C SER A 38 -8.19 -3.88 -1.80
N SER A 39 -9.10 -4.72 -2.34
CA SER A 39 -9.62 -5.89 -1.63
C SER A 39 -9.59 -7.21 -2.43
N ASP A 40 -8.59 -7.40 -3.32
CA ASP A 40 -8.51 -8.64 -4.11
C ASP A 40 -7.16 -9.35 -3.96
N LEU A 41 -7.20 -10.70 -3.87
CA LEU A 41 -6.02 -11.52 -3.85
C LEU A 41 -5.89 -12.11 -5.24
N TRP A 42 -5.09 -11.46 -6.11
CA TRP A 42 -4.85 -11.99 -7.45
C TRP A 42 -3.36 -12.27 -7.67
N VAL A 43 -3.09 -13.27 -8.51
CA VAL A 43 -1.74 -13.75 -8.80
C VAL A 43 -1.51 -14.04 -10.27
N PHE A 44 -0.23 -14.05 -10.67
CA PHE A 44 0.20 -14.46 -12.01
C PHE A 44 0.06 -15.98 -11.93
N SER A 45 -0.65 -16.55 -12.87
CA SER A 45 -1.08 -17.94 -12.86
C SER A 45 -0.59 -18.70 -14.11
N SER A 46 -0.94 -19.98 -14.19
CA SER A 46 -0.64 -20.82 -15.34
C SER A 46 -1.64 -20.58 -16.49
N GLU A 47 -2.70 -19.78 -16.24
CA GLU A 47 -3.73 -19.45 -17.24
C GLU A 47 -3.49 -18.08 -17.91
N THR A 48 -2.56 -17.22 -17.36
CA THR A 48 -2.24 -15.91 -17.96
C THR A 48 -1.67 -16.15 -19.37
N THR A 49 -2.08 -15.34 -20.35
CA THR A 49 -1.60 -15.50 -21.73
C THR A 49 -0.07 -15.31 -21.67
N ALA A 50 0.69 -16.32 -22.12
CA ALA A 50 2.16 -16.38 -22.06
C ALA A 50 2.91 -15.12 -22.49
N SER A 51 2.32 -14.30 -23.40
CA SER A 51 2.93 -13.05 -23.86
C SER A 51 2.98 -11.97 -22.76
N GLU A 52 2.09 -12.05 -21.75
CA GLU A 52 2.03 -11.08 -20.65
C GLU A 52 2.84 -11.49 -19.40
N VAL A 53 3.67 -12.58 -19.47
CA VAL A 53 4.52 -13.03 -18.37
C VAL A 53 5.99 -12.80 -18.78
N ASP A 54 6.76 -12.05 -17.95
CA ASP A 54 8.17 -11.71 -18.21
C ASP A 54 9.00 -11.80 -16.90
N GLY A 55 9.25 -13.05 -16.44
CA GLY A 55 10.05 -13.33 -15.26
C GLY A 55 9.35 -13.63 -13.95
N GLN A 56 8.01 -13.43 -13.86
CA GLN A 56 7.28 -13.66 -12.60
C GLN A 56 7.12 -15.15 -12.29
N THR A 57 6.99 -15.48 -10.99
CA THR A 57 6.72 -16.83 -10.48
C THR A 57 5.21 -17.04 -10.70
N ILE A 58 4.80 -18.19 -11.25
CA ILE A 58 3.37 -18.43 -11.52
C ILE A 58 2.73 -19.44 -10.58
N TYR A 59 1.48 -19.18 -10.21
CA TYR A 59 0.67 -20.07 -9.41
C TYR A 59 0.12 -21.12 -10.37
N THR A 60 0.22 -22.41 -10.02
CA THR A 60 -0.28 -23.49 -10.86
C THR A 60 -1.26 -24.33 -10.04
N PRO A 61 -2.59 -24.08 -10.15
CA PRO A 61 -3.54 -24.85 -9.33
C PRO A 61 -3.61 -26.36 -9.64
N SER A 62 -3.15 -26.82 -10.84
CA SER A 62 -3.16 -28.25 -11.18
C SER A 62 -2.16 -29.03 -10.29
N LYS A 63 -1.07 -28.36 -9.86
CA LYS A 63 -0.06 -28.93 -8.98
C LYS A 63 -0.43 -28.87 -7.47
N SER A 64 -1.63 -28.36 -7.09
CA SER A 64 -2.02 -28.28 -5.67
C SER A 64 -3.19 -29.20 -5.37
N THR A 65 -3.10 -29.92 -4.23
CA THR A 65 -4.09 -30.90 -3.78
C THR A 65 -5.26 -30.27 -3.04
N THR A 66 -5.08 -29.06 -2.49
CA THR A 66 -6.13 -28.34 -1.75
C THR A 66 -6.84 -27.29 -2.64
N ALA A 67 -6.49 -27.21 -3.94
CA ALA A 67 -7.08 -26.26 -4.88
C ALA A 67 -8.44 -26.73 -5.35
N LYS A 68 -9.43 -25.81 -5.44
CA LYS A 68 -10.78 -26.10 -5.93
C LYS A 68 -11.29 -24.90 -6.76
N LEU A 69 -11.83 -25.17 -7.97
CA LEU A 69 -12.35 -24.10 -8.82
C LEU A 69 -13.66 -23.56 -8.24
N LEU A 70 -13.77 -22.23 -8.08
CA LEU A 70 -14.98 -21.60 -7.57
C LEU A 70 -15.87 -21.40 -8.80
N SER A 71 -16.54 -22.50 -9.20
CA SER A 71 -17.32 -22.61 -10.45
C SER A 71 -18.30 -21.44 -10.71
N GLY A 72 -18.09 -20.74 -11.83
CA GLY A 72 -18.92 -19.62 -12.26
C GLY A 72 -18.41 -18.24 -11.87
N ALA A 73 -17.63 -18.13 -10.77
CA ALA A 73 -17.14 -16.85 -10.28
C ALA A 73 -16.07 -16.26 -11.20
N THR A 74 -16.09 -14.92 -11.38
CA THR A 74 -15.11 -14.19 -12.21
C THR A 74 -14.79 -12.83 -11.58
N TRP A 75 -13.64 -12.24 -11.95
CA TRP A 75 -13.20 -10.94 -11.42
C TRP A 75 -12.72 -10.03 -12.55
N SER A 76 -12.69 -8.72 -12.27
CA SER A 76 -12.24 -7.66 -13.19
C SER A 76 -11.96 -6.42 -12.34
N ILE A 77 -10.70 -5.92 -12.34
CA ILE A 77 -10.33 -4.75 -11.54
C ILE A 77 -9.48 -3.76 -12.32
N SER A 78 -9.55 -2.46 -11.93
N SER A 78 -9.55 -2.46 -11.93
CA SER A 78 -8.79 -1.35 -12.50
CA SER A 78 -8.77 -1.36 -12.52
C SER A 78 -8.30 -0.45 -11.36
C SER A 78 -8.32 -0.42 -11.38
N TYR A 79 -7.05 0.00 -11.40
CA TYR A 79 -6.44 0.85 -10.37
C TYR A 79 -6.24 2.30 -10.84
N SER A 84 -4.69 -2.69 -14.76
CA SER A 84 -5.87 -3.55 -14.78
C SER A 84 -5.51 -5.05 -14.86
N SER A 85 -6.50 -5.94 -14.57
CA SER A 85 -6.31 -7.40 -14.56
C SER A 85 -7.67 -8.15 -14.37
N SER A 86 -7.84 -9.37 -14.98
CA SER A 86 -9.10 -10.14 -14.90
C SER A 86 -8.90 -11.65 -15.07
N GLY A 87 -9.93 -12.45 -14.79
CA GLY A 87 -9.88 -13.91 -14.98
C GLY A 87 -10.77 -14.80 -14.13
N ASP A 88 -10.21 -15.98 -13.76
CA ASP A 88 -10.87 -17.04 -12.99
C ASP A 88 -10.62 -16.96 -11.48
N VAL A 89 -11.39 -17.73 -10.70
CA VAL A 89 -11.28 -17.77 -9.23
C VAL A 89 -11.26 -19.22 -8.71
N TYR A 90 -10.27 -19.51 -7.86
CA TYR A 90 -10.04 -20.79 -7.19
C TYR A 90 -10.10 -20.55 -5.69
N THR A 91 -10.33 -21.62 -4.89
CA THR A 91 -10.20 -21.57 -3.43
C THR A 91 -8.99 -22.47 -3.10
N ASP A 92 -8.13 -22.02 -2.15
CA ASP A 92 -6.95 -22.78 -1.73
C ASP A 92 -6.43 -22.27 -0.37
N THR A 93 -5.40 -22.97 0.20
CA THR A 93 -4.79 -22.61 1.48
C THR A 93 -3.72 -21.54 1.25
N VAL A 94 -3.83 -20.41 1.96
CA VAL A 94 -2.88 -19.30 1.92
C VAL A 94 -2.32 -19.16 3.34
N SER A 95 -1.00 -18.99 3.47
CA SER A 95 -0.33 -18.80 4.75
C SER A 95 0.64 -17.62 4.62
N VAL A 96 0.69 -16.76 5.63
CA VAL A 96 1.57 -15.60 5.65
C VAL A 96 2.34 -15.62 6.97
N GLY A 97 3.63 -15.94 6.89
CA GLY A 97 4.52 -15.98 8.04
C GLY A 97 4.06 -16.86 9.17
N GLY A 98 3.50 -18.04 8.83
CA GLY A 98 2.96 -19.01 9.78
C GLY A 98 1.45 -18.98 10.02
N LEU A 99 0.76 -17.83 9.73
CA LEU A 99 -0.70 -17.69 9.91
C LEU A 99 -1.39 -18.29 8.67
N THR A 100 -2.16 -19.39 8.85
CA THR A 100 -2.82 -20.14 7.76
C THR A 100 -4.31 -19.95 7.71
N VAL A 101 -4.86 -19.67 6.50
CA VAL A 101 -6.29 -19.51 6.22
C VAL A 101 -6.69 -20.56 5.19
N THR A 102 -7.60 -21.44 5.52
CA THR A 102 -8.12 -22.40 4.54
C THR A 102 -9.31 -21.74 3.80
N GLY A 103 -9.58 -22.18 2.57
CA GLY A 103 -10.69 -21.69 1.75
C GLY A 103 -10.63 -20.25 1.25
N GLN A 104 -9.43 -19.68 1.11
CA GLN A 104 -9.24 -18.31 0.62
C GLN A 104 -9.50 -18.26 -0.89
N ALA A 105 -10.17 -17.20 -1.37
CA ALA A 105 -10.38 -17.02 -2.81
C ALA A 105 -9.05 -16.50 -3.39
N VAL A 106 -8.53 -17.19 -4.40
CA VAL A 106 -7.27 -16.85 -5.05
C VAL A 106 -7.69 -16.57 -6.47
N GLU A 107 -7.54 -15.32 -6.88
CA GLU A 107 -8.01 -14.88 -8.18
C GLU A 107 -6.94 -15.11 -9.24
N SER A 108 -7.16 -16.12 -10.10
CA SER A 108 -6.21 -16.49 -11.16
C SER A 108 -6.28 -15.52 -12.35
N ALA A 109 -5.18 -14.80 -12.65
CA ALA A 109 -5.17 -13.87 -13.81
C ALA A 109 -5.10 -14.62 -15.13
N LYS A 110 -5.93 -14.18 -16.08
CA LYS A 110 -5.96 -14.65 -17.48
C LYS A 110 -5.43 -13.50 -18.36
N LYS A 111 -5.77 -12.23 -18.01
CA LYS A 111 -5.32 -11.01 -18.66
C LYS A 111 -4.66 -10.08 -17.60
N VAL A 112 -3.60 -9.36 -18.02
CA VAL A 112 -2.86 -8.41 -17.18
C VAL A 112 -2.38 -7.25 -18.07
N SER A 113 -2.42 -6.01 -17.55
CA SER A 113 -1.94 -4.84 -18.30
C SER A 113 -0.40 -4.89 -18.36
N SER A 114 0.20 -4.16 -19.32
CA SER A 114 1.65 -4.15 -19.48
C SER A 114 2.42 -3.53 -18.30
N SER A 115 1.77 -2.66 -17.46
CA SER A 115 2.39 -2.07 -16.26
C SER A 115 2.76 -3.15 -15.22
N PHE A 116 2.03 -4.29 -15.20
CA PHE A 116 2.31 -5.42 -14.29
C PHE A 116 3.40 -6.30 -14.93
N THR A 117 3.26 -6.61 -16.25
CA THR A 117 4.21 -7.44 -17.01
C THR A 117 5.65 -6.89 -16.96
N GLU A 118 5.82 -5.55 -17.03
CA GLU A 118 7.15 -4.91 -16.97
C GLU A 118 7.84 -5.07 -15.60
N ASP A 119 7.05 -5.18 -14.49
CA ASP A 119 7.56 -5.40 -13.12
C ASP A 119 7.71 -6.91 -12.89
N SER A 120 8.89 -7.47 -13.23
CA SER A 120 9.18 -8.91 -13.07
C SER A 120 9.26 -9.36 -11.59
N THR A 121 9.52 -8.42 -10.66
CA THR A 121 9.64 -8.69 -9.23
C THR A 121 8.30 -8.98 -8.52
N ILE A 122 7.19 -8.35 -8.97
CA ILE A 122 5.86 -8.51 -8.35
C ILE A 122 5.05 -9.66 -9.00
N ASP A 123 4.75 -10.72 -8.19
CA ASP A 123 3.96 -11.88 -8.61
C ASP A 123 2.45 -11.68 -8.40
N GLY A 124 2.05 -10.61 -7.68
CA GLY A 124 0.65 -10.32 -7.45
C GLY A 124 0.35 -9.39 -6.29
N LEU A 125 -0.95 -9.18 -6.02
CA LEU A 125 -1.45 -8.30 -4.95
C LEU A 125 -2.23 -9.07 -3.90
N LEU A 126 -2.17 -8.60 -2.65
CA LEU A 126 -2.94 -9.16 -1.53
C LEU A 126 -3.69 -7.94 -0.92
N GLY A 127 -4.95 -7.79 -1.33
CA GLY A 127 -5.81 -6.70 -0.90
C GLY A 127 -6.11 -6.74 0.59
N LEU A 128 -5.97 -5.59 1.27
CA LEU A 128 -6.20 -5.49 2.72
C LEU A 128 -7.12 -4.33 3.07
N ALA A 129 -7.94 -3.84 2.10
CA ALA A 129 -8.94 -2.80 2.39
C ALA A 129 -10.20 -3.56 2.90
N PHE A 130 -11.38 -2.90 2.99
CA PHE A 130 -12.59 -3.58 3.46
C PHE A 130 -13.20 -4.45 2.36
N SER A 131 -13.69 -5.66 2.71
CA SER A 131 -14.27 -6.64 1.77
C SER A 131 -15.41 -6.14 0.82
N THR A 132 -16.02 -4.95 1.08
CA THR A 132 -17.06 -4.37 0.22
C THR A 132 -16.54 -4.07 -1.22
N LEU A 133 -15.20 -3.84 -1.38
CA LEU A 133 -14.56 -3.51 -2.66
C LEU A 133 -14.10 -4.73 -3.44
N ASN A 134 -14.36 -5.96 -2.96
CA ASN A 134 -13.94 -7.17 -3.68
C ASN A 134 -14.71 -7.23 -5.00
N THR A 135 -14.02 -7.51 -6.12
CA THR A 135 -14.63 -7.50 -7.45
C THR A 135 -15.17 -8.84 -7.92
N VAL A 136 -15.19 -9.89 -7.05
CA VAL A 136 -15.65 -11.21 -7.47
C VAL A 136 -17.19 -11.23 -7.64
N SER A 137 -17.63 -11.69 -8.83
CA SER A 137 -19.01 -11.74 -9.27
C SER A 137 -19.38 -13.18 -9.67
N PRO A 138 -20.61 -13.71 -9.43
CA PRO A 138 -21.74 -13.08 -8.73
C PRO A 138 -21.70 -13.14 -7.20
N THR A 139 -20.73 -13.89 -6.60
CA THR A 139 -20.61 -14.02 -5.15
C THR A 139 -19.34 -13.32 -4.63
N GLN A 140 -19.51 -12.12 -4.02
CA GLN A 140 -18.41 -11.30 -3.49
C GLN A 140 -17.61 -12.06 -2.41
N GLN A 141 -16.26 -12.05 -2.52
CA GLN A 141 -15.38 -12.78 -1.60
C GLN A 141 -14.71 -11.90 -0.53
N LYS A 142 -14.28 -12.56 0.56
CA LYS A 142 -13.66 -11.92 1.73
C LYS A 142 -12.16 -11.84 1.59
N THR A 143 -11.55 -10.80 2.18
CA THR A 143 -10.08 -10.66 2.18
C THR A 143 -9.42 -11.62 3.21
N PHE A 144 -8.10 -11.84 3.05
CA PHE A 144 -7.26 -12.67 3.95
C PHE A 144 -7.38 -12.24 5.41
N PHE A 145 -7.42 -10.92 5.68
CA PHE A 145 -7.55 -10.40 7.03
C PHE A 145 -8.93 -10.69 7.58
N ASP A 146 -9.98 -10.55 6.75
CA ASP A 146 -11.33 -10.88 7.22
C ASP A 146 -11.50 -12.38 7.50
N ASN A 147 -10.86 -13.25 6.69
CA ASN A 147 -10.94 -14.70 6.93
C ASN A 147 -10.14 -15.15 8.14
N ALA A 148 -9.05 -14.44 8.52
CA ALA A 148 -8.23 -14.80 9.68
C ALA A 148 -8.70 -14.18 11.00
N LYS A 149 -9.46 -13.05 10.97
CA LYS A 149 -10.00 -12.31 12.16
C LYS A 149 -10.44 -13.19 13.35
N ALA A 150 -11.24 -14.24 13.09
CA ALA A 150 -11.72 -15.15 14.13
C ALA A 150 -10.56 -15.93 14.79
N SER A 151 -9.64 -16.44 13.96
CA SER A 151 -8.47 -17.19 14.43
C SER A 151 -7.32 -16.32 15.02
N LEU A 152 -7.30 -14.99 14.76
CA LEU A 152 -6.26 -14.11 15.29
C LEU A 152 -6.50 -13.83 16.77
N ASP A 153 -5.43 -13.57 17.54
CA ASP A 153 -5.52 -13.22 18.96
C ASP A 153 -6.24 -11.90 19.10
N SER A 154 -5.80 -10.91 18.32
CA SER A 154 -6.41 -9.59 18.26
C SER A 154 -6.75 -9.28 16.79
N PRO A 155 -7.93 -8.69 16.46
CA PRO A 155 -8.26 -8.43 15.04
C PRO A 155 -7.57 -7.15 14.54
N VAL A 156 -6.23 -7.24 14.38
CA VAL A 156 -5.37 -6.14 13.96
C VAL A 156 -4.21 -6.66 13.12
N PHE A 157 -3.55 -5.73 12.46
CA PHE A 157 -2.31 -5.96 11.74
C PHE A 157 -1.57 -4.63 11.74
N THR A 158 -0.24 -4.67 11.78
CA THR A 158 0.59 -3.46 11.76
C THR A 158 1.44 -3.42 10.50
N ALA A 159 1.96 -2.23 10.19
CA ALA A 159 2.81 -1.95 9.04
C ALA A 159 4.00 -1.16 9.53
N ASP A 160 5.21 -1.70 9.31
CA ASP A 160 6.45 -1.04 9.73
C ASP A 160 7.35 -1.05 8.52
N LEU A 161 7.04 -0.19 7.53
CA LEU A 161 7.81 -0.13 6.28
C LEU A 161 9.15 0.60 6.46
N GLY A 162 10.20 0.07 5.82
CA GLY A 162 11.55 0.60 5.93
C GLY A 162 12.01 1.53 4.81
N TYR A 163 12.75 2.60 5.19
CA TYR A 163 13.32 3.57 4.24
C TYR A 163 14.62 2.98 3.66
N HIS A 164 14.59 2.51 2.40
CA HIS A 164 15.73 1.89 1.74
C HIS A 164 16.28 0.74 2.59
N ALA A 165 15.36 -0.05 3.13
CA ALA A 165 15.66 -1.14 4.03
C ALA A 165 14.44 -2.05 4.12
N PRO A 166 14.55 -3.33 4.51
CA PRO A 166 13.33 -4.16 4.66
C PRO A 166 12.57 -3.78 5.93
N GLY A 167 11.30 -4.21 6.00
CA GLY A 167 10.43 -3.92 7.14
C GLY A 167 9.53 -5.08 7.47
N THR A 168 8.40 -4.84 8.19
CA THR A 168 7.52 -5.91 8.67
C THR A 168 5.99 -5.67 8.67
N TYR A 169 5.24 -6.78 8.45
CA TYR A 169 3.80 -6.90 8.53
C TYR A 169 3.46 -7.98 9.61
N ASN A 170 2.98 -7.55 10.79
CA ASN A 170 2.54 -8.48 11.85
C ASN A 170 1.04 -8.64 11.82
N PHE A 171 0.51 -9.78 12.28
CA PHE A 171 -0.94 -10.06 12.33
C PHE A 171 -1.31 -10.65 13.70
N GLY A 172 -2.34 -10.11 14.34
CA GLY A 172 -2.80 -10.66 15.62
C GLY A 172 -2.14 -10.08 16.84
N PHE A 173 -1.13 -9.18 16.69
CA PHE A 173 -0.48 -8.56 17.85
C PHE A 173 0.25 -7.26 17.53
N ILE A 174 0.59 -6.51 18.58
CA ILE A 174 1.32 -5.24 18.51
C ILE A 174 2.67 -5.42 19.16
N ASP A 175 3.76 -5.13 18.43
CA ASP A 175 5.13 -5.22 18.94
C ASP A 175 5.47 -3.90 19.65
N THR A 176 5.49 -3.91 21.00
CA THR A 176 5.77 -2.70 21.80
C THR A 176 7.23 -2.23 21.75
N THR A 177 8.14 -2.98 21.04
CA THR A 177 9.54 -2.59 20.86
C THR A 177 9.73 -1.86 19.54
N ALA A 178 8.84 -2.06 18.55
CA ALA A 178 8.97 -1.45 17.21
C ALA A 178 8.79 0.09 17.15
N TYR A 179 8.23 0.73 18.19
CA TYR A 179 8.01 2.18 18.19
C TYR A 179 8.47 2.85 19.50
N THR A 180 8.48 4.18 19.48
CA THR A 180 8.77 5.02 20.64
C THR A 180 7.48 5.79 21.02
N GLY A 181 7.41 6.25 22.27
CA GLY A 181 6.26 6.98 22.78
C GLY A 181 5.03 6.11 22.83
N SER A 182 3.86 6.69 22.56
CA SER A 182 2.60 5.94 22.55
C SER A 182 1.96 6.01 21.16
N ILE A 183 0.91 5.17 20.95
CA ILE A 183 0.13 5.10 19.72
C ILE A 183 -1.08 6.06 19.83
N THR A 184 -1.34 6.85 18.78
CA THR A 184 -2.47 7.76 18.71
C THR A 184 -3.51 7.16 17.75
N TYR A 185 -4.70 6.82 18.27
CA TYR A 185 -5.77 6.23 17.47
C TYR A 185 -6.76 7.26 16.93
N THR A 186 -7.17 7.12 15.67
CA THR A 186 -8.12 8.04 15.05
C THR A 186 -9.26 7.26 14.42
N ALA A 187 -10.40 7.94 14.23
CA ALA A 187 -11.60 7.31 13.73
C ALA A 187 -11.54 6.98 12.25
N VAL A 188 -11.93 5.75 11.88
CA VAL A 188 -12.03 5.34 10.47
C VAL A 188 -13.52 5.37 9.99
N SER A 189 -13.73 5.69 8.69
CA SER A 189 -15.01 5.65 8.00
C SER A 189 -14.91 4.55 6.95
N THR A 190 -15.77 3.53 7.01
CA THR A 190 -15.78 2.42 6.05
C THR A 190 -16.80 2.63 4.90
N LYS A 191 -17.43 3.82 4.80
CA LYS A 191 -18.45 4.09 3.78
C LYS A 191 -17.98 3.82 2.35
N GLN A 192 -16.77 4.30 1.96
CA GLN A 192 -16.25 4.03 0.62
C GLN A 192 -15.46 2.71 0.51
N GLY A 193 -15.29 1.97 1.62
CA GLY A 193 -14.59 0.69 1.65
C GLY A 193 -13.08 0.77 1.80
N PHE A 194 -12.53 1.96 2.20
CA PHE A 194 -11.10 2.20 2.41
C PHE A 194 -10.86 2.48 3.87
N TRP A 195 -9.59 2.51 4.26
CA TRP A 195 -9.20 2.91 5.62
C TRP A 195 -9.12 4.42 5.55
N GLU A 196 -10.31 5.09 5.54
CA GLU A 196 -10.47 6.54 5.39
C GLU A 196 -10.41 7.22 6.73
N TRP A 197 -9.70 8.35 6.82
CA TRP A 197 -9.48 9.05 8.10
C TRP A 197 -9.20 10.54 7.88
N THR A 198 -9.20 11.34 8.95
CA THR A 198 -8.99 12.79 8.91
C THR A 198 -7.77 13.26 9.68
N SER A 199 -6.77 13.85 8.96
CA SER A 199 -5.56 14.42 9.55
C SER A 199 -5.90 15.82 10.12
N THR A 200 -5.26 16.22 11.23
CA THR A 200 -5.57 17.49 11.91
C THR A 200 -4.73 18.72 11.45
N GLY A 201 -3.93 18.57 10.40
CA GLY A 201 -3.18 19.70 9.85
C GLY A 201 -1.81 19.33 9.34
N TYR A 202 -0.93 20.34 9.23
CA TYR A 202 0.42 20.15 8.72
C TYR A 202 1.34 21.31 9.04
N ALA A 203 2.63 21.12 8.76
CA ALA A 203 3.66 22.13 8.88
C ALA A 203 4.76 21.81 7.86
N VAL A 204 5.33 22.85 7.19
CA VAL A 204 6.44 22.69 6.24
C VAL A 204 7.72 23.05 6.97
N GLY A 205 8.72 22.16 6.94
CA GLY A 205 10.00 22.34 7.59
C GLY A 205 9.87 22.62 9.07
N SER A 206 10.50 23.70 9.53
CA SER A 206 10.43 24.15 10.91
C SER A 206 9.36 25.29 11.06
N GLY A 207 8.32 25.29 10.21
CA GLY A 207 7.28 26.30 10.21
C GLY A 207 6.18 26.08 11.24
N THR A 208 5.18 26.98 11.22
CA THR A 208 4.03 26.93 12.13
C THR A 208 3.02 25.89 11.66
N PHE A 209 2.32 25.28 12.62
CA PHE A 209 1.35 24.26 12.28
C PHE A 209 0.06 24.88 11.78
N LYS A 210 -0.36 24.55 10.55
CA LYS A 210 -1.62 25.05 10.03
C LYS A 210 -2.65 24.02 10.43
N SER A 211 -3.54 24.36 11.38
CA SER A 211 -4.59 23.43 11.78
C SER A 211 -5.72 23.45 10.76
N THR A 212 -5.90 22.34 10.04
CA THR A 212 -6.94 22.18 9.01
C THR A 212 -7.26 20.68 8.81
N SER A 213 -8.49 20.37 8.41
CA SER A 213 -8.94 18.99 8.22
C SER A 213 -8.62 18.47 6.84
N ILE A 214 -7.82 17.38 6.76
CA ILE A 214 -7.47 16.76 5.48
C ILE A 214 -7.99 15.31 5.53
N ASP A 215 -9.01 15.02 4.71
CA ASP A 215 -9.61 13.69 4.60
CA ASP A 215 -9.60 13.69 4.61
C ASP A 215 -8.83 12.88 3.57
N GLY A 216 -8.31 11.73 3.98
CA GLY A 216 -7.56 10.84 3.08
C GLY A 216 -7.68 9.37 3.46
N ILE A 217 -6.99 8.53 2.69
CA ILE A 217 -6.93 7.07 2.90
C ILE A 217 -5.50 6.66 3.19
N ALA A 218 -5.33 5.68 4.10
CA ALA A 218 -4.02 5.12 4.41
C ALA A 218 -3.87 3.98 3.41
N ASP A 219 -2.94 4.13 2.43
CA ASP A 219 -2.76 3.18 1.32
C ASP A 219 -1.30 2.71 1.12
N THR A 220 -0.97 1.50 1.62
CA THR A 220 0.35 0.87 1.45
C THR A 220 0.65 0.51 -0.04
N GLY A 221 -0.40 0.30 -0.85
CA GLY A 221 -0.24 -0.04 -2.26
C GLY A 221 0.10 1.11 -3.20
N THR A 222 0.10 2.40 -2.70
CA THR A 222 0.39 3.64 -3.46
C THR A 222 1.73 4.17 -2.94
N THR A 223 2.69 4.47 -3.85
CA THR A 223 4.06 4.90 -3.50
C THR A 223 4.21 6.28 -2.87
N LEU A 224 3.54 7.30 -3.43
CA LEU A 224 3.70 8.69 -3.01
C LEU A 224 2.58 9.22 -2.12
N LEU A 225 2.73 10.47 -1.68
CA LEU A 225 1.80 11.23 -0.86
C LEU A 225 1.07 12.23 -1.78
N TYR A 226 -0.28 12.10 -1.89
CA TYR A 226 -1.14 12.99 -2.70
C TYR A 226 -2.04 13.83 -1.79
N LEU A 227 -1.76 15.14 -1.71
CA LEU A 227 -2.50 16.08 -0.86
C LEU A 227 -3.08 17.23 -1.70
N PRO A 228 -3.99 18.06 -1.13
CA PRO A 228 -4.60 19.17 -1.92
C PRO A 228 -3.60 20.21 -2.44
N ALA A 229 -3.97 20.87 -3.56
CA ALA A 229 -3.16 21.86 -4.28
C ALA A 229 -2.57 22.97 -3.42
N THR A 230 -3.36 23.49 -2.48
CA THR A 230 -2.94 24.56 -1.58
C THR A 230 -1.80 24.11 -0.66
N VAL A 231 -1.85 22.83 -0.17
CA VAL A 231 -0.85 22.25 0.73
C VAL A 231 0.43 21.90 -0.03
N VAL A 232 0.30 21.32 -1.22
CA VAL A 232 1.42 20.94 -2.07
C VAL A 232 2.15 22.21 -2.61
N SER A 233 1.39 23.26 -3.01
CA SER A 233 2.00 24.53 -3.49
C SER A 233 2.80 25.21 -2.37
N ALA A 234 2.31 25.13 -1.12
CA ALA A 234 2.99 25.73 0.02
C ALA A 234 4.34 25.05 0.30
N TYR A 235 4.41 23.72 0.09
CA TYR A 235 5.61 22.91 0.31
C TYR A 235 6.70 23.28 -0.70
N TRP A 236 6.38 23.11 -2.00
CA TRP A 236 7.34 23.35 -3.08
C TRP A 236 7.76 24.84 -3.20
N ALA A 237 6.98 25.79 -2.65
CA ALA A 237 7.37 27.21 -2.61
C ALA A 237 8.66 27.39 -1.80
N GLN A 238 8.95 26.48 -0.84
CA GLN A 238 10.14 26.57 0.00
C GLN A 238 11.42 25.96 -0.62
N VAL A 239 11.29 25.20 -1.73
CA VAL A 239 12.43 24.58 -2.42
C VAL A 239 12.79 25.47 -3.61
N SER A 240 13.97 26.12 -3.56
CA SER A 240 14.42 27.00 -4.64
CA SER A 240 14.43 27.01 -4.64
C SER A 240 14.55 26.25 -5.97
N GLY A 241 13.92 26.80 -7.01
CA GLY A 241 13.96 26.23 -8.35
C GLY A 241 12.96 25.13 -8.62
N ALA A 242 12.16 24.67 -7.62
CA ALA A 242 11.18 23.62 -7.89
C ALA A 242 10.06 24.19 -8.78
N LYS A 243 9.39 23.32 -9.60
CA LYS A 243 8.30 23.77 -10.49
C LYS A 243 7.44 22.58 -10.99
N SER A 244 6.13 22.82 -11.20
CA SER A 244 5.20 21.81 -11.71
C SER A 244 5.40 21.68 -13.22
N SER A 245 6.01 20.57 -13.68
CA SER A 245 6.23 20.33 -15.11
C SER A 245 5.06 19.55 -15.73
N SER A 246 4.64 19.98 -16.93
CA SER A 246 3.57 19.34 -17.69
C SER A 246 4.06 18.03 -18.30
N SER A 247 5.27 18.08 -18.91
CA SER A 247 5.90 16.94 -19.59
C SER A 247 6.15 15.76 -18.65
N VAL A 248 6.57 16.04 -17.41
CA VAL A 248 6.89 15.01 -16.41
C VAL A 248 5.60 14.48 -15.79
N GLY A 249 4.68 15.38 -15.45
CA GLY A 249 3.40 15.08 -14.83
C GLY A 249 3.44 15.28 -13.33
N GLY A 250 3.98 16.43 -12.92
CA GLY A 250 4.10 16.80 -11.51
C GLY A 250 5.30 17.68 -11.20
N TYR A 251 5.49 17.96 -9.90
CA TYR A 251 6.61 18.77 -9.39
C TYR A 251 7.96 18.07 -9.48
N VAL A 252 8.97 18.87 -9.81
CA VAL A 252 10.33 18.44 -9.94
C VAL A 252 11.22 19.51 -9.32
N PHE A 253 12.42 19.18 -8.95
CA PHE A 253 13.31 20.14 -8.31
C PHE A 253 14.75 19.89 -8.69
N PRO A 254 15.63 20.92 -8.63
CA PRO A 254 17.06 20.68 -8.95
C PRO A 254 17.66 19.70 -7.95
N CYS A 255 18.28 18.60 -8.44
CA CYS A 255 18.80 17.52 -7.59
C CYS A 255 19.79 18.01 -6.51
N SER A 256 20.47 19.15 -6.76
CA SER A 256 21.41 19.80 -5.85
C SER A 256 20.78 20.44 -4.58
N ALA A 257 19.43 20.59 -4.55
CA ALA A 257 18.71 21.20 -3.42
C ALA A 257 18.54 20.22 -2.27
N THR A 258 18.26 20.76 -1.07
CA THR A 258 18.03 19.99 0.16
C THR A 258 16.58 20.22 0.58
N LEU A 259 15.79 19.13 0.67
CA LEU A 259 14.38 19.21 0.96
C LEU A 259 14.04 19.40 2.45
N PRO A 260 13.06 20.29 2.78
CA PRO A 260 12.63 20.42 4.19
C PRO A 260 11.71 19.25 4.58
N SER A 261 11.60 18.99 5.89
CA SER A 261 10.71 17.92 6.38
C SER A 261 9.22 18.34 6.28
N PHE A 262 8.30 17.37 6.38
CA PHE A 262 6.85 17.62 6.32
C PHE A 262 6.20 16.93 7.52
N THR A 263 5.21 17.57 8.13
CA THR A 263 4.51 17.04 9.31
C THR A 263 3.01 16.94 9.01
N PHE A 264 2.37 15.85 9.46
CA PHE A 264 0.94 15.66 9.32
C PHE A 264 0.40 15.34 10.72
N GLY A 265 -0.71 15.95 11.10
CA GLY A 265 -1.30 15.75 12.42
C GLY A 265 -2.20 14.54 12.54
N VAL A 266 -2.03 13.76 13.62
CA VAL A 266 -2.89 12.62 13.95
C VAL A 266 -3.48 13.06 15.29
N GLY A 267 -4.78 13.40 15.32
CA GLY A 267 -5.38 13.94 16.54
C GLY A 267 -4.57 15.09 17.09
N SER A 268 -3.97 14.90 18.27
CA SER A 268 -3.10 15.90 18.91
C SER A 268 -1.60 15.61 18.68
N ALA A 269 -1.24 14.47 18.08
CA ALA A 269 0.15 14.11 17.83
C ALA A 269 0.63 14.67 16.50
N ARG A 270 1.94 14.52 16.23
CA ARG A 270 2.60 14.97 15.01
C ARG A 270 3.48 13.84 14.49
N ILE A 271 3.44 13.56 13.18
CA ILE A 271 4.26 12.53 12.55
C ILE A 271 5.13 13.27 11.53
N VAL A 272 6.48 13.27 11.73
CA VAL A 272 7.45 13.97 10.87
C VAL A 272 8.02 13.08 9.77
N ILE A 273 7.96 13.56 8.51
CA ILE A 273 8.53 12.87 7.37
C ILE A 273 9.85 13.57 7.05
N PRO A 274 11.03 12.95 7.25
CA PRO A 274 12.28 13.64 6.86
C PRO A 274 12.35 14.07 5.38
N GLY A 275 13.05 15.16 5.10
CA GLY A 275 13.25 15.66 3.73
C GLY A 275 13.73 14.62 2.74
N ASP A 276 14.65 13.73 3.19
CA ASP A 276 15.23 12.66 2.39
C ASP A 276 14.20 11.73 1.79
N TYR A 277 13.07 11.47 2.50
CA TYR A 277 12.02 10.55 2.07
C TYR A 277 11.24 11.11 0.88
N ILE A 278 11.29 12.45 0.68
CA ILE A 278 10.56 13.15 -0.37
C ILE A 278 11.36 13.21 -1.71
N ASP A 279 12.64 12.81 -1.72
CA ASP A 279 13.51 12.78 -2.93
C ASP A 279 13.37 11.45 -3.70
N PHE A 280 12.78 11.45 -4.89
CA PHE A 280 12.62 10.22 -5.69
C PHE A 280 13.62 10.17 -6.86
N GLY A 281 14.84 10.68 -6.62
CA GLY A 281 15.94 10.68 -7.58
C GLY A 281 15.68 11.39 -8.90
N PRO A 282 16.67 11.34 -9.82
CA PRO A 282 16.49 12.00 -11.12
C PRO A 282 15.37 11.44 -11.98
N ILE A 283 14.76 12.28 -12.85
CA ILE A 283 13.67 11.89 -13.74
C ILE A 283 14.13 10.89 -14.80
N SER A 284 15.31 11.11 -15.38
CA SER A 284 15.92 10.21 -16.36
C SER A 284 17.38 10.03 -15.96
N THR A 285 18.04 8.98 -16.44
CA THR A 285 19.43 8.72 -16.02
C THR A 285 20.35 9.91 -16.32
N GLY A 286 21.11 10.35 -15.32
CA GLY A 286 22.05 11.45 -15.47
C GLY A 286 21.45 12.84 -15.54
N SER A 287 20.14 12.98 -15.27
CA SER A 287 19.45 14.27 -15.33
C SER A 287 19.77 15.19 -14.16
N SER A 288 19.62 16.51 -14.38
CA SER A 288 19.81 17.52 -13.34
C SER A 288 18.53 17.76 -12.51
N SER A 289 17.34 17.28 -12.99
CA SER A 289 16.05 17.47 -12.31
CA SER A 289 16.06 17.46 -12.31
C SER A 289 15.62 16.18 -11.58
N CYS A 290 15.13 16.33 -10.33
CA CYS A 290 14.67 15.22 -9.47
C CYS A 290 13.15 15.22 -9.32
N PHE A 291 12.56 14.02 -9.16
CA PHE A 291 11.11 13.89 -9.02
C PHE A 291 10.66 14.02 -7.57
N GLY A 292 9.58 14.78 -7.35
CA GLY A 292 9.04 15.03 -6.02
C GLY A 292 8.20 13.93 -5.38
N GLY A 293 8.35 13.78 -4.07
CA GLY A 293 7.61 12.81 -3.26
C GLY A 293 6.21 13.26 -2.85
N ILE A 294 5.98 14.59 -2.78
CA ILE A 294 4.67 15.18 -2.47
C ILE A 294 4.06 15.75 -3.74
N GLN A 295 2.95 15.13 -4.19
CA GLN A 295 2.25 15.54 -5.41
C GLN A 295 0.79 15.91 -5.14
N SER A 296 0.16 16.64 -6.06
CA SER A 296 -1.21 17.12 -5.88
C SER A 296 -2.25 16.03 -6.15
N SER A 297 -3.32 15.99 -5.34
CA SER A 297 -4.40 15.04 -5.51
C SER A 297 -5.48 15.53 -6.50
N ALA A 298 -5.38 16.78 -7.04
N ALA A 298 -5.44 16.83 -6.93
CA ALA A 298 -6.35 17.29 -8.02
CA ALA A 298 -6.44 17.48 -7.80
C ALA A 298 -6.38 16.35 -9.22
C ALA A 298 -7.11 16.60 -8.87
N GLY A 299 -7.58 15.95 -9.64
N GLY A 299 -6.29 15.80 -9.59
CA GLY A 299 -7.76 14.99 -10.73
CA GLY A 299 -6.77 14.91 -10.64
C GLY A 299 -7.98 13.56 -10.26
C GLY A 299 -6.86 13.46 -10.24
N ILE A 300 -7.46 13.19 -9.07
CA ILE A 300 -7.65 11.83 -8.52
C ILE A 300 -9.03 11.74 -7.88
N GLY A 301 -9.39 12.71 -7.02
CA GLY A 301 -10.68 12.71 -6.33
C GLY A 301 -10.56 12.34 -4.88
N ILE A 302 -9.35 11.97 -4.41
CA ILE A 302 -9.12 11.60 -3.01
C ILE A 302 -7.64 11.84 -2.62
N ASN A 303 -7.40 12.25 -1.36
CA ASN A 303 -6.04 12.45 -0.88
C ASN A 303 -5.54 11.06 -0.48
N ILE A 304 -4.34 10.68 -0.90
CA ILE A 304 -3.80 9.36 -0.58
C ILE A 304 -2.60 9.51 0.31
N PHE A 305 -2.62 8.83 1.47
CA PHE A 305 -1.44 8.81 2.32
C PHE A 305 -0.71 7.52 1.96
N GLY A 306 0.20 7.61 0.99
CA GLY A 306 0.98 6.47 0.52
C GLY A 306 2.22 6.17 1.32
N ASP A 307 3.10 5.30 0.73
CA ASP A 307 4.32 4.75 1.32
C ASP A 307 5.26 5.82 1.87
N VAL A 308 5.43 6.94 1.14
CA VAL A 308 6.24 8.09 1.57
C VAL A 308 5.82 8.57 2.98
N ALA A 309 4.50 8.65 3.24
CA ALA A 309 3.99 9.06 4.55
C ALA A 309 4.00 7.92 5.57
N LEU A 310 3.51 6.74 5.18
CA LEU A 310 3.39 5.59 6.09
C LEU A 310 4.72 5.05 6.57
N LYS A 311 5.78 5.10 5.75
CA LYS A 311 7.07 4.54 6.18
C LYS A 311 7.81 5.41 7.23
N ALA A 312 7.25 6.56 7.65
CA ALA A 312 7.82 7.41 8.71
C ALA A 312 7.19 7.05 10.09
N ALA A 313 6.22 6.08 10.12
CA ALA A 313 5.51 5.68 11.34
C ALA A 313 5.27 4.16 11.45
N PHE A 314 4.91 3.78 12.70
CA PHE A 314 4.48 2.45 13.08
C PHE A 314 2.96 2.62 13.00
N VAL A 315 2.33 1.96 12.01
CA VAL A 315 0.91 2.13 11.71
C VAL A 315 0.11 0.86 12.09
N VAL A 316 -1.00 1.04 12.86
CA VAL A 316 -1.88 -0.04 13.30
C VAL A 316 -3.19 0.04 12.53
N PHE A 317 -3.66 -1.08 11.96
CA PHE A 317 -4.93 -1.17 11.27
C PHE A 317 -5.82 -2.06 12.13
N ASN A 318 -6.48 -1.43 13.11
CA ASN A 318 -7.39 -2.11 14.03
C ASN A 318 -8.76 -2.46 13.35
N GLY A 319 -9.01 -3.75 13.12
CA GLY A 319 -10.23 -4.23 12.49
C GLY A 319 -11.34 -4.63 13.44
N ALA A 320 -11.49 -3.91 14.58
CA ALA A 320 -12.53 -4.18 15.57
C ALA A 320 -13.93 -3.75 15.05
N THR A 321 -15.00 -4.05 15.80
CA THR A 321 -16.38 -3.70 15.41
C THR A 321 -16.45 -2.25 14.86
N THR A 322 -15.78 -1.32 15.55
CA THR A 322 -15.63 0.07 15.14
C THR A 322 -14.13 0.21 14.78
N PRO A 323 -13.75 0.21 13.49
CA PRO A 323 -12.31 0.32 13.16
C PRO A 323 -11.67 1.66 13.48
N THR A 324 -10.37 1.63 13.79
CA THR A 324 -9.57 2.82 14.04
C THR A 324 -8.21 2.62 13.40
N LEU A 325 -7.43 3.73 13.32
CA LEU A 325 -6.08 3.75 12.76
CA LEU A 325 -6.09 3.74 12.76
C LEU A 325 -5.14 4.32 13.83
N GLY A 326 -4.05 3.62 14.09
CA GLY A 326 -3.09 4.06 15.08
C GLY A 326 -1.79 4.47 14.43
N PHE A 327 -1.18 5.60 14.87
CA PHE A 327 0.12 6.05 14.35
C PHE A 327 1.08 6.35 15.50
N ALA A 328 2.31 5.83 15.42
CA ALA A 328 3.34 6.15 16.42
C ALA A 328 4.68 6.38 15.74
N SER A 329 5.52 7.22 16.38
CA SER A 329 6.87 7.53 15.90
C SER A 329 7.80 6.33 16.13
N LYS A 330 8.78 6.15 15.26
CA LYS A 330 9.74 5.04 15.31
C LYS A 330 11.16 5.50 14.93
S DMS B . 6.26 6.38 -9.34
O DMS B . 7.54 7.09 -8.90
C1 DMS B . 4.84 7.31 -8.88
C2 DMS B . 6.05 4.97 -8.29
#